data_6Z3I
#
_entry.id   6Z3I
#
_cell.length_a   53.139
_cell.length_b   76.670
_cell.length_c   67.988
_cell.angle_alpha   90.000
_cell.angle_beta   102.053
_cell.angle_gamma   90.000
#
_symmetry.space_group_name_H-M   'P 1 21 1'
#
loop_
_entity.id
_entity.type
_entity.pdbx_description
1 polymer 'Lysosomal acid glucosylceramidase'
2 branched alpha-D-mannopyranose-(1-6)-beta-D-mannopyranose-(1-4)-2-acetamido-2-deoxy-beta-D-glucopyranose-(1-4)-2-acetamido-2-deoxy-beta-D-glucopyranose
3 non-polymer 'SULFATE ION'
4 non-polymer 2-acetamido-2-deoxy-beta-D-glucopyranose
5 non-polymer 1,2-ETHANEDIOL
6 non-polymer ~{N}-[[1-[[(1~{S},2~{R},3~{R},4~{S},6~{S})-6-(hexylamino)-2,3,4-tris(oxidanyl)cyclohexyl]methyl]-1,2,3-triazol-4-yl]methyl]ethanamide
7 water water
#
_entity_poly.entity_id   1
_entity_poly.type   'polypeptide(L)'
_entity_poly.pdbx_seq_one_letter_code
;ARPCIPKSFGYSSVVCVCNATYCDSFDPPTFPALGTFSRYESTRSGRRMELSMGPIQANHTGTGLLLTLQPEQKFQKVKG
FGGAMTDAAALNILALSPPAQNLLLKSYFSEEGIGYNIIRVPMASCDFSIRTYTYADTPDDFQLHNFSLPEEDTKLKIPL
IHRALQLAQRPVSLLASPWTSPTWLKTNGAVNGKGSLKGQPGDIYHQTWARYFVKFLDAYAEHKLQFWAVTAENEPSAGL
LSGYPFQCLGFTPEHQRDFIARDLGPTLANSTHHNVRLLMLDDQRLLLPHWAKVVLTDPEAAKYVHGIAVHWYLDFLAPA
KATLGETHRLFPNTMLFASEACVGSKFWEQSVRLGSWDRGMQYSHSIITNLLYHVVGWTDWNLALNPEGGPNWVRNFVDS
PIIVDITKDTFYKQPMFYHLGHFSKFIPEGSQRVGLVASQKNDLDAVALMHPDGSAVVVVLNRSSKDVPLTIKDPAVGFL
ETISPGYSIHTYLWRRQ
;
_entity_poly.pdbx_strand_id   BBB
#
# COMPACT_ATOMS: atom_id res chain seq x y z
N ALA A 1 18.41 -6.13 15.25
CA ALA A 1 19.79 -6.61 15.54
C ALA A 1 20.78 -5.45 15.39
N ARG A 2 20.54 -4.51 14.46
CA ARG A 2 21.38 -3.30 14.30
C ARG A 2 20.52 -2.07 14.60
N PRO A 3 20.95 -1.20 15.54
CA PRO A 3 20.16 -0.02 15.88
C PRO A 3 20.18 1.06 14.80
N CYS A 4 19.13 1.89 14.82
CA CYS A 4 19.00 3.17 14.08
C CYS A 4 20.22 4.06 14.34
N ILE A 5 20.82 4.59 13.29
CA ILE A 5 21.76 5.75 13.36
C ILE A 5 20.92 7.00 13.10
N PRO A 6 20.55 7.77 14.14
CA PRO A 6 19.60 8.85 13.98
C PRO A 6 20.26 10.09 13.36
N LYS A 7 19.49 10.83 12.57
CA LYS A 7 19.87 12.16 12.04
C LYS A 7 18.61 13.01 12.03
N SER A 8 18.73 14.22 12.58
CA SER A 8 17.66 15.25 12.56
C SER A 8 17.90 16.17 11.36
N PHE A 9 16.82 16.55 10.67
CA PHE A 9 16.85 17.56 9.58
C PHE A 9 15.99 18.75 10.02
N GLY A 10 15.68 18.82 11.32
CA GLY A 10 15.00 20.00 11.93
C GLY A 10 13.50 19.79 12.05
N TYR A 11 13.00 18.60 11.73
CA TYR A 11 11.56 18.25 11.84
C TYR A 11 11.33 17.49 13.15
N SER A 12 10.12 16.98 13.37
CA SER A 12 9.62 16.53 14.69
C SER A 12 10.36 15.27 15.17
N SER A 13 10.98 14.49 14.29
CA SER A 13 11.71 13.26 14.68
C SER A 13 12.92 13.05 13.79
N VAL A 14 13.57 11.89 13.94
CA VAL A 14 14.84 11.55 13.26
C VAL A 14 14.55 10.57 12.11
N VAL A 15 15.43 10.58 11.13
CA VAL A 15 15.57 9.48 10.14
C VAL A 15 16.65 8.55 10.67
N CYS A 16 16.66 7.32 10.21
CA CYS A 16 17.74 6.34 10.42
C CYS A 16 18.60 6.32 9.16
N VAL A 17 19.91 6.47 9.33
CA VAL A 17 20.88 6.63 8.21
C VAL A 17 21.44 5.27 7.83
N CYS A 18 21.35 4.93 6.55
CA CYS A 18 21.97 3.73 5.95
C CYS A 18 22.87 4.13 4.78
N ASN A 19 23.85 3.28 4.49
CA ASN A 19 24.83 3.46 3.39
C ASN A 19 25.32 2.08 2.95
N ALA A 20 26.43 1.99 2.23
CA ALA A 20 26.97 0.73 1.69
C ALA A 20 27.36 -0.20 2.83
N THR A 21 27.79 0.32 3.99
CA THR A 21 28.40 -0.49 5.09
C THR A 21 27.50 -0.62 6.33
N TYR A 22 26.44 0.16 6.48
CA TYR A 22 25.55 0.06 7.65
C TYR A 22 24.09 0.36 7.28
N CYS A 23 23.19 -0.45 7.83
CA CYS A 23 21.75 -0.13 7.91
C CYS A 23 21.16 -0.78 9.16
N ASP A 24 20.26 -0.07 9.84
CA ASP A 24 19.55 -0.63 11.01
C ASP A 24 18.74 -1.82 10.51
N SER A 25 18.60 -2.83 11.37
CA SER A 25 17.88 -4.09 11.07
C SER A 25 17.08 -4.52 12.30
N PHE A 26 16.09 -5.36 12.05
CA PHE A 26 15.26 -6.04 13.07
C PHE A 26 15.56 -7.53 13.01
N ASP A 27 15.05 -8.26 14.00
CA ASP A 27 15.05 -9.74 13.96
C ASP A 27 13.84 -10.19 13.16
N PRO A 28 13.87 -11.41 12.62
CA PRO A 28 12.67 -12.01 12.05
C PRO A 28 11.63 -12.00 13.16
N PRO A 29 10.34 -11.78 12.86
CA PRO A 29 9.31 -11.79 13.90
C PRO A 29 9.15 -13.19 14.49
N THR A 30 8.88 -13.26 15.79
CA THR A 30 8.51 -14.49 16.54
C THR A 30 7.53 -14.09 17.66
N PHE A 31 6.63 -15.00 18.03
CA PHE A 31 5.78 -14.85 19.24
C PHE A 31 6.60 -15.26 20.45
N PRO A 32 6.45 -14.57 21.60
CA PRO A 32 7.04 -15.02 22.86
C PRO A 32 6.26 -16.22 23.44
N ALA A 33 6.84 -16.87 24.44
CA ALA A 33 6.27 -18.02 25.17
C ALA A 33 4.89 -17.67 25.71
N LEU A 34 3.98 -18.64 25.69
CA LEU A 34 2.63 -18.50 26.30
C LEU A 34 2.78 -17.90 27.71
N GLY A 35 1.97 -16.89 28.04
CA GLY A 35 1.95 -16.21 29.35
C GLY A 35 2.80 -14.96 29.38
N THR A 36 3.51 -14.69 28.27
CA THR A 36 4.34 -13.48 28.03
C THR A 36 3.76 -12.77 26.81
N PHE A 37 3.90 -11.45 26.74
CA PHE A 37 3.57 -10.64 25.53
C PHE A 37 4.84 -9.89 25.10
N SER A 38 4.94 -9.60 23.81
CA SER A 38 5.97 -8.72 23.19
C SER A 38 5.34 -7.36 22.91
N ARG A 39 6.14 -6.31 23.08
CA ARG A 39 5.79 -4.91 22.75
C ARG A 39 6.92 -4.36 21.88
N TYR A 40 6.59 -3.94 20.66
CA TYR A 40 7.50 -3.20 19.76
C TYR A 40 7.08 -1.74 19.81
N GLU A 41 7.99 -0.85 20.18
CA GLU A 41 7.65 0.58 20.41
C GLU A 41 8.47 1.46 19.48
N SER A 42 7.81 2.37 18.77
CA SER A 42 8.45 3.52 18.09
C SER A 42 7.94 4.82 18.70
N THR A 43 8.83 5.80 18.87
CA THR A 43 8.49 7.12 19.46
C THR A 43 9.10 8.25 18.63
N ARG A 44 8.43 9.39 18.65
CA ARG A 44 8.96 10.68 18.13
C ARG A 44 10.36 10.91 18.71
N SER A 45 10.56 10.59 20.00
CA SER A 45 11.84 10.78 20.74
C SER A 45 12.97 10.00 20.07
N GLY A 46 12.64 8.89 19.38
CA GLY A 46 13.62 8.21 18.50
C GLY A 46 13.73 6.71 18.70
N ARG A 47 12.83 6.09 19.47
CA ARG A 47 12.78 4.61 19.58
C ARG A 47 12.25 4.05 18.27
N ARG A 48 12.85 2.96 17.78
CA ARG A 48 12.50 2.37 16.46
C ARG A 48 12.24 0.88 16.66
N MET A 49 10.96 0.52 16.80
CA MET A 49 10.50 -0.85 17.10
C MET A 49 11.41 -1.49 18.15
N GLU A 50 11.59 -0.82 19.28
CA GLU A 50 12.32 -1.39 20.45
C GLU A 50 11.44 -2.47 21.07
N LEU A 51 12.02 -3.67 21.26
CA LEU A 51 11.35 -4.85 21.85
C LEU A 51 11.45 -4.78 23.38
N SER A 52 10.31 -4.78 24.07
CA SER A 52 10.20 -5.11 25.51
C SER A 52 9.20 -6.27 25.67
N MET A 53 9.32 -7.02 26.75
CA MET A 53 8.40 -8.15 27.05
C MET A 53 7.78 -7.94 28.43
N GLY A 54 6.57 -8.46 28.63
CA GLY A 54 5.81 -8.35 29.88
C GLY A 54 5.04 -9.61 30.17
N PRO A 55 4.58 -9.80 31.43
CA PRO A 55 3.76 -10.95 31.78
C PRO A 55 2.29 -10.69 31.49
N ILE A 56 1.56 -11.75 31.20
CA ILE A 56 0.08 -11.74 31.10
C ILE A 56 -0.47 -12.13 32.46
N GLN A 57 -1.25 -11.25 33.08
CA GLN A 57 -1.79 -11.39 34.47
C GLN A 57 -3.15 -12.08 34.40
N ALA A 58 -3.45 -12.91 35.40
CA ALA A 58 -4.72 -13.68 35.49
C ALA A 58 -5.87 -12.72 35.80
N ASN A 59 -5.59 -11.63 36.52
CA ASN A 59 -6.61 -10.68 37.03
C ASN A 59 -6.20 -9.26 36.69
N HIS A 60 -7.16 -8.35 36.75
CA HIS A 60 -6.98 -6.89 36.61
C HIS A 60 -8.04 -6.19 37.47
N THR A 61 -7.64 -5.11 38.16
CA THR A 61 -8.57 -4.20 38.90
C THR A 61 -8.17 -2.76 38.56
N GLY A 62 -9.14 -1.86 38.44
CA GLY A 62 -8.90 -0.42 38.22
C GLY A 62 -9.96 0.21 37.33
N THR A 63 -9.87 1.53 37.14
CA THR A 63 -10.85 2.38 36.42
C THR A 63 -10.25 2.93 35.13
N GLY A 64 -8.97 2.61 34.85
CA GLY A 64 -8.27 3.04 33.63
C GLY A 64 -8.82 2.37 32.38
N LEU A 65 -8.38 2.85 31.21
CA LEU A 65 -8.78 2.33 29.88
C LEU A 65 -8.51 0.81 29.78
N LEU A 66 -9.56 0.05 29.48
CA LEU A 66 -9.51 -1.38 29.11
C LEU A 66 -9.87 -1.56 27.63
N LEU A 67 -9.00 -2.19 26.84
CA LEU A 67 -9.29 -2.64 25.45
C LEU A 67 -9.49 -4.15 25.51
N THR A 68 -10.71 -4.64 25.27
CA THR A 68 -11.04 -6.08 25.39
C THR A 68 -11.07 -6.72 24.00
N LEU A 69 -10.18 -7.70 23.78
CA LEU A 69 -10.11 -8.51 22.54
C LEU A 69 -11.43 -9.29 22.41
N GLN A 70 -11.98 -9.29 21.20
CA GLN A 70 -13.18 -10.09 20.84
C GLN A 70 -12.74 -11.11 19.80
N PRO A 71 -11.97 -12.15 20.21
CA PRO A 71 -11.29 -13.03 19.26
C PRO A 71 -12.23 -13.84 18.34
N GLU A 72 -13.48 -14.09 18.77
CA GLU A 72 -14.45 -14.89 17.97
C GLU A 72 -15.27 -13.97 17.06
N GLN A 73 -15.15 -12.65 17.22
CA GLN A 73 -15.81 -11.67 16.30
C GLN A 73 -14.84 -11.43 15.13
N LYS A 74 -15.15 -12.03 13.97
CA LYS A 74 -14.26 -12.15 12.78
C LYS A 74 -14.66 -11.12 11.73
N PHE A 75 -13.68 -10.41 11.15
CA PHE A 75 -13.92 -9.45 10.05
C PHE A 75 -13.11 -9.93 8.84
N GLN A 76 -12.41 -9.03 8.15
CA GLN A 76 -11.75 -9.34 6.86
C GLN A 76 -10.45 -10.13 7.13
N LYS A 77 -10.05 -10.94 6.16
CA LYS A 77 -8.68 -11.53 6.10
C LYS A 77 -7.77 -10.53 5.38
N VAL A 78 -6.51 -10.49 5.77
CA VAL A 78 -5.50 -9.50 5.28
C VAL A 78 -4.80 -10.08 4.06
N LYS A 79 -4.75 -9.31 2.97
CA LYS A 79 -3.93 -9.64 1.78
C LYS A 79 -2.48 -9.20 2.03
N GLY A 80 -2.24 -7.96 2.44
CA GLY A 80 -0.91 -7.55 2.89
C GLY A 80 -0.61 -6.08 2.70
N PHE A 81 0.68 -5.77 2.57
CA PHE A 81 1.22 -4.39 2.60
C PHE A 81 2.42 -4.31 1.65
N GLY A 82 2.61 -3.15 1.04
CA GLY A 82 3.85 -2.90 0.28
C GLY A 82 3.84 -1.53 -0.34
N GLY A 83 4.42 -1.42 -1.53
CA GLY A 83 4.66 -0.13 -2.20
C GLY A 83 4.88 -0.28 -3.69
N ALA A 84 5.16 0.84 -4.36
CA ALA A 84 5.12 0.96 -5.83
C ALA A 84 6.54 0.94 -6.40
N MET A 85 6.82 0.03 -7.33
CA MET A 85 8.08 0.03 -8.11
C MET A 85 7.89 0.91 -9.36
N THR A 86 7.81 2.23 -9.14
CA THR A 86 7.77 3.26 -10.20
C THR A 86 9.13 3.33 -10.88
N ASP A 87 9.20 3.99 -12.03
CA ASP A 87 10.49 4.32 -12.71
C ASP A 87 11.34 5.13 -11.73
N ALA A 88 10.73 6.11 -11.05
CA ALA A 88 11.40 7.03 -10.12
C ALA A 88 12.04 6.22 -8.98
N ALA A 89 11.30 5.26 -8.42
CA ALA A 89 11.76 4.38 -7.32
C ALA A 89 12.95 3.54 -7.82
N ALA A 90 12.82 2.92 -8.99
CA ALA A 90 13.86 2.04 -9.58
C ALA A 90 15.14 2.86 -9.81
N LEU A 91 15.01 4.07 -10.37
CA LEU A 91 16.17 4.94 -10.68
C LEU A 91 16.91 5.31 -9.38
N ASN A 92 16.16 5.70 -8.35
CA ASN A 92 16.69 6.11 -7.03
C ASN A 92 17.44 4.91 -6.42
N ILE A 93 16.82 3.74 -6.38
CA ILE A 93 17.44 2.53 -5.78
C ILE A 93 18.73 2.19 -6.55
N LEU A 94 18.69 2.17 -7.87
CA LEU A 94 19.84 1.72 -8.71
C LEU A 94 20.93 2.80 -8.77
N ALA A 95 20.65 4.01 -8.29
CA ALA A 95 21.63 5.11 -8.23
C ALA A 95 22.56 4.89 -7.02
N LEU A 96 22.14 4.04 -6.08
CA LEU A 96 22.97 3.64 -4.92
C LEU A 96 24.00 2.60 -5.37
N SER A 97 25.08 2.44 -4.60
CA SER A 97 26.07 1.35 -4.79
C SER A 97 25.36 0.01 -4.60
N PRO A 98 25.78 -1.08 -5.28
CA PRO A 98 25.12 -2.37 -5.09
C PRO A 98 24.94 -2.78 -3.62
N PRO A 99 25.93 -2.63 -2.72
CA PRO A 99 25.72 -2.96 -1.31
C PRO A 99 24.61 -2.11 -0.66
N ALA A 100 24.60 -0.80 -0.91
CA ALA A 100 23.53 0.11 -0.44
C ALA A 100 22.18 -0.33 -1.00
N GLN A 101 22.11 -0.71 -2.28
CA GLN A 101 20.86 -1.20 -2.93
C GLN A 101 20.32 -2.39 -2.15
N ASN A 102 21.20 -3.34 -1.83
CA ASN A 102 20.82 -4.60 -1.14
C ASN A 102 20.26 -4.28 0.25
N LEU A 103 20.84 -3.30 0.95
CA LEU A 103 20.37 -2.93 2.31
C LEU A 103 19.00 -2.23 2.22
N LEU A 104 18.76 -1.44 1.18
CA LEU A 104 17.44 -0.78 0.96
C LEU A 104 16.40 -1.86 0.63
N LEU A 105 16.70 -2.76 -0.30
CA LEU A 105 15.77 -3.87 -0.69
C LEU A 105 15.48 -4.78 0.52
N LYS A 106 16.50 -5.10 1.33
CA LYS A 106 16.32 -5.88 2.58
C LYS A 106 15.44 -5.12 3.57
N SER A 107 15.61 -3.80 3.72
CA SER A 107 14.77 -2.97 4.62
C SER A 107 13.29 -3.27 4.37
N TYR A 108 12.88 -3.37 3.12
CA TYR A 108 11.46 -3.55 2.72
C TYR A 108 11.06 -5.03 2.69
N PHE A 109 11.89 -5.89 2.08
CA PHE A 109 11.46 -7.22 1.58
C PHE A 109 12.03 -8.38 2.42
N SER A 110 13.03 -8.13 3.25
CA SER A 110 13.64 -9.14 4.17
C SER A 110 12.81 -9.28 5.45
N GLU A 111 12.97 -10.41 6.16
CA GLU A 111 12.43 -10.58 7.54
C GLU A 111 13.31 -9.84 8.54
N GLU A 112 14.54 -9.45 8.14
N GLU A 112 14.52 -9.41 8.14
CA GLU A 112 15.40 -8.46 8.85
CA GLU A 112 15.34 -8.46 8.94
C GLU A 112 14.82 -7.05 8.72
C GLU A 112 14.87 -7.02 8.67
N GLY A 113 13.94 -6.84 7.73
CA GLY A 113 13.28 -5.56 7.45
C GLY A 113 11.81 -5.65 7.81
N ILE A 114 10.90 -5.11 7.01
CA ILE A 114 9.47 -4.97 7.45
C ILE A 114 8.55 -5.90 6.65
N GLY A 115 9.10 -6.85 5.90
CA GLY A 115 8.35 -8.01 5.36
C GLY A 115 7.22 -7.64 4.40
N TYR A 116 7.43 -6.66 3.51
CA TYR A 116 6.50 -6.32 2.40
C TYR A 116 6.13 -7.58 1.60
N ASN A 117 4.86 -7.75 1.25
CA ASN A 117 4.45 -8.87 0.36
C ASN A 117 3.68 -8.36 -0.87
N ILE A 118 3.64 -7.03 -1.09
CA ILE A 118 2.91 -6.41 -2.25
C ILE A 118 3.85 -5.43 -2.96
N ILE A 119 3.96 -5.55 -4.28
CA ILE A 119 4.60 -4.52 -5.15
C ILE A 119 3.59 -4.10 -6.22
N ARG A 120 3.27 -2.80 -6.27
CA ARG A 120 2.44 -2.21 -7.34
C ARG A 120 3.36 -1.78 -8.48
N VAL A 121 2.99 -2.15 -9.71
CA VAL A 121 3.83 -1.99 -10.93
C VAL A 121 3.02 -1.17 -11.94
N PRO A 122 3.43 0.09 -12.24
CA PRO A 122 2.79 0.86 -13.31
C PRO A 122 2.98 0.13 -14.65
N MET A 123 1.92 0.09 -15.44
CA MET A 123 1.95 -0.38 -16.84
C MET A 123 2.38 0.83 -17.68
N ALA A 124 3.69 0.91 -17.94
CA ALA A 124 4.39 1.99 -18.67
C ALA A 124 4.44 3.25 -17.80
N SER A 125 4.41 4.44 -18.39
CA SER A 125 4.84 5.69 -17.71
C SER A 125 3.69 6.28 -16.87
N CYS A 126 4.07 6.97 -15.80
CA CYS A 126 3.18 7.83 -14.97
C CYS A 126 3.94 9.11 -14.65
N ASP A 127 3.47 9.92 -13.70
CA ASP A 127 4.16 11.19 -13.33
C ASP A 127 5.55 10.84 -12.79
N PHE A 128 5.69 9.73 -12.05
CA PHE A 128 6.98 9.30 -11.47
C PHE A 128 7.75 8.46 -12.50
N SER A 129 7.88 9.06 -13.68
CA SER A 129 8.75 8.66 -14.80
C SER A 129 9.50 9.91 -15.28
N ILE A 130 10.65 9.73 -15.93
CA ILE A 130 11.44 10.87 -16.49
C ILE A 130 11.17 10.99 -17.99
N ARG A 131 10.43 10.04 -18.57
CA ARG A 131 9.98 10.15 -19.98
C ARG A 131 8.59 9.53 -20.14
N THR A 132 7.86 10.03 -21.14
CA THR A 132 6.47 9.64 -21.44
C THR A 132 6.53 8.56 -22.51
N TYR A 133 5.87 7.44 -22.28
CA TYR A 133 5.87 6.28 -23.21
C TYR A 133 4.73 5.37 -22.78
N THR A 134 4.27 4.55 -23.72
CA THR A 134 3.42 3.37 -23.44
C THR A 134 4.18 2.17 -24.00
N TYR A 135 3.56 1.00 -23.94
CA TYR A 135 4.15 -0.25 -24.48
C TYR A 135 3.87 -0.34 -25.99
N ALA A 136 3.03 0.54 -26.54
CA ALA A 136 2.55 0.44 -27.95
C ALA A 136 2.34 1.83 -28.54
N ASP A 137 3.43 2.56 -28.75
CA ASP A 137 3.40 3.98 -29.21
C ASP A 137 3.36 4.06 -30.74
N THR A 138 3.69 2.99 -31.48
CA THR A 138 3.54 2.95 -32.96
C THR A 138 2.07 3.19 -33.30
N PRO A 139 1.73 4.28 -34.02
CA PRO A 139 0.34 4.66 -34.27
C PRO A 139 -0.49 3.58 -34.97
N ASP A 140 -1.76 3.46 -34.55
CA ASP A 140 -2.82 2.62 -35.15
C ASP A 140 -2.39 1.15 -35.23
N ASP A 141 -1.58 0.69 -34.26
CA ASP A 141 -1.11 -0.72 -34.19
C ASP A 141 -2.16 -1.55 -33.42
N PHE A 142 -3.37 -1.65 -33.98
CA PHE A 142 -4.52 -2.34 -33.36
C PHE A 142 -4.18 -3.81 -33.10
N GLN A 143 -3.28 -4.39 -33.91
CA GLN A 143 -2.80 -5.78 -33.77
C GLN A 143 -1.82 -5.89 -32.58
N LEU A 144 -1.27 -4.75 -32.12
CA LEU A 144 -0.23 -4.67 -31.06
C LEU A 144 0.94 -5.57 -31.43
N HIS A 145 1.33 -5.57 -32.71
CA HIS A 145 2.56 -6.24 -33.19
C HIS A 145 3.80 -5.50 -32.66
N ASN A 146 3.69 -4.20 -32.36
CA ASN A 146 4.85 -3.36 -31.92
C ASN A 146 4.76 -3.12 -30.40
N PHE A 147 3.91 -3.88 -29.69
CA PHE A 147 3.89 -3.91 -28.20
C PHE A 147 5.25 -4.44 -27.71
N SER A 148 5.93 -3.67 -26.86
CA SER A 148 7.16 -4.16 -26.20
C SER A 148 7.46 -3.41 -24.91
N LEU A 149 8.18 -4.10 -24.03
CA LEU A 149 8.70 -3.54 -22.76
C LEU A 149 9.98 -2.77 -23.10
N PRO A 150 10.07 -1.47 -22.79
CA PRO A 150 11.31 -0.73 -22.92
C PRO A 150 12.22 -1.02 -21.72
N GLU A 151 13.36 -0.34 -21.66
CA GLU A 151 14.41 -0.58 -20.65
C GLU A 151 13.90 -0.24 -19.25
N GLU A 152 12.99 0.71 -19.11
CA GLU A 152 12.39 1.07 -17.80
C GLU A 152 11.88 -0.22 -17.14
N ASP A 153 11.35 -1.17 -17.92
CA ASP A 153 10.88 -2.48 -17.41
C ASP A 153 12.06 -3.47 -17.39
N THR A 154 12.73 -3.69 -18.52
CA THR A 154 13.67 -4.84 -18.69
C THR A 154 14.97 -4.59 -17.93
N LYS A 155 15.40 -3.34 -17.77
CA LYS A 155 16.71 -2.99 -17.15
C LYS A 155 16.50 -2.51 -15.71
N LEU A 156 15.40 -1.83 -15.39
CA LEU A 156 15.18 -1.18 -14.06
C LEU A 156 14.19 -1.99 -13.21
N LYS A 157 12.89 -1.96 -13.55
CA LYS A 157 11.81 -2.48 -12.68
C LYS A 157 11.91 -4.00 -12.51
N ILE A 158 11.99 -4.76 -13.60
CA ILE A 158 11.90 -6.26 -13.53
C ILE A 158 13.07 -6.82 -12.74
N PRO A 159 14.34 -6.44 -13.01
CA PRO A 159 15.46 -6.96 -12.22
C PRO A 159 15.38 -6.62 -10.72
N LEU A 160 14.91 -5.42 -10.39
CA LEU A 160 14.69 -5.00 -8.98
C LEU A 160 13.61 -5.89 -8.34
N ILE A 161 12.52 -6.17 -9.06
CA ILE A 161 11.42 -7.03 -8.55
C ILE A 161 11.98 -8.44 -8.30
N HIS A 162 12.80 -9.00 -9.21
CA HIS A 162 13.43 -10.33 -9.02
C HIS A 162 14.27 -10.30 -7.74
N ARG A 163 15.04 -9.24 -7.53
CA ARG A 163 15.92 -9.15 -6.33
C ARG A 163 15.05 -9.09 -5.06
N ALA A 164 13.91 -8.39 -5.10
CA ALA A 164 12.99 -8.27 -3.94
C ALA A 164 12.39 -9.64 -3.63
N LEU A 165 11.93 -10.38 -4.65
CA LEU A 165 11.30 -11.72 -4.50
C LEU A 165 12.30 -12.71 -3.88
N GLN A 166 13.55 -12.61 -4.29
CA GLN A 166 14.68 -13.44 -3.80
C GLN A 166 14.87 -13.15 -2.29
N LEU A 167 14.73 -11.90 -1.86
CA LEU A 167 14.89 -11.54 -0.42
C LEU A 167 13.65 -11.93 0.38
N ALA A 168 12.47 -11.88 -0.23
CA ALA A 168 11.16 -12.16 0.41
C ALA A 168 11.08 -13.63 0.81
N GLN A 169 10.80 -13.90 2.08
CA GLN A 169 10.47 -15.27 2.58
C GLN A 169 8.98 -15.53 2.34
N ARG A 170 8.15 -14.48 2.41
CA ARG A 170 6.69 -14.56 2.16
C ARG A 170 6.42 -14.50 0.65
N PRO A 171 5.35 -15.17 0.18
CA PRO A 171 4.89 -15.02 -1.20
C PRO A 171 4.54 -13.55 -1.47
N VAL A 172 5.11 -12.97 -2.52
CA VAL A 172 4.89 -11.54 -2.90
C VAL A 172 3.83 -11.48 -4.00
N SER A 173 2.85 -10.59 -3.84
CA SER A 173 1.76 -10.34 -4.82
C SER A 173 2.08 -9.07 -5.61
N LEU A 174 2.20 -9.19 -6.94
CA LEU A 174 2.39 -8.02 -7.85
C LEU A 174 1.00 -7.50 -8.25
N LEU A 175 0.84 -6.18 -8.25
CA LEU A 175 -0.41 -5.48 -8.65
C LEU A 175 -0.07 -4.54 -9.80
N ALA A 176 -0.72 -4.71 -10.96
CA ALA A 176 -0.49 -3.86 -12.16
C ALA A 176 -1.59 -2.80 -12.29
N SER A 177 -1.20 -1.58 -12.64
CA SER A 177 -2.12 -0.44 -12.87
C SER A 177 -1.63 0.39 -14.05
N PRO A 178 -2.50 0.68 -15.06
CA PRO A 178 -2.16 1.63 -16.12
C PRO A 178 -2.61 3.07 -15.83
N TRP A 179 -1.79 4.04 -16.24
CA TRP A 179 -2.14 5.48 -16.17
C TRP A 179 -2.81 5.89 -17.49
N THR A 180 -2.09 5.78 -18.61
CA THR A 180 -2.59 6.12 -19.96
C THR A 180 -2.47 4.92 -20.90
N SER A 181 -3.39 4.85 -21.87
CA SER A 181 -3.29 4.02 -23.10
C SER A 181 -2.38 4.73 -24.10
N PRO A 182 -1.91 4.03 -25.15
CA PRO A 182 -1.39 4.72 -26.34
C PRO A 182 -2.32 5.87 -26.74
N THR A 183 -1.74 7.00 -27.16
CA THR A 183 -2.51 8.25 -27.47
C THR A 183 -3.43 8.03 -28.68
N TRP A 184 -3.10 7.10 -29.57
CA TRP A 184 -3.90 6.81 -30.79
C TRP A 184 -5.15 5.98 -30.43
N LEU A 185 -5.29 5.54 -29.18
CA LEU A 185 -6.57 4.95 -28.69
C LEU A 185 -7.42 6.01 -27.98
N LYS A 186 -6.95 7.25 -27.87
CA LYS A 186 -7.59 8.28 -27.01
C LYS A 186 -8.26 9.37 -27.84
N THR A 187 -9.39 9.87 -27.33
CA THR A 187 -10.21 10.97 -27.92
C THR A 187 -9.36 12.23 -28.08
N ASN A 188 -8.39 12.46 -27.20
CA ASN A 188 -7.62 13.73 -27.13
C ASN A 188 -6.21 13.56 -27.71
N GLY A 189 -5.81 12.34 -28.06
CA GLY A 189 -4.51 12.05 -28.69
C GLY A 189 -3.33 12.59 -27.88
N ALA A 190 -3.42 12.58 -26.55
CA ALA A 190 -2.32 12.97 -25.65
C ALA A 190 -2.33 12.07 -24.41
N VAL A 191 -1.17 11.86 -23.77
CA VAL A 191 -1.03 11.01 -22.54
C VAL A 191 -1.82 11.65 -21.38
N ASN A 192 -1.86 12.98 -21.32
CA ASN A 192 -2.50 13.76 -20.22
C ASN A 192 -3.72 14.51 -20.78
N GLY A 193 -4.31 15.42 -19.99
CA GLY A 193 -5.51 16.18 -20.39
C GLY A 193 -6.78 15.36 -20.21
N LYS A 194 -7.94 15.98 -20.46
CA LYS A 194 -9.27 15.33 -20.49
C LYS A 194 -9.32 14.43 -21.73
N GLY A 195 -9.56 13.14 -21.53
CA GLY A 195 -9.54 12.19 -22.66
C GLY A 195 -9.79 10.79 -22.19
N SER A 196 -10.60 10.07 -22.94
CA SER A 196 -11.00 8.67 -22.70
C SER A 196 -10.58 7.83 -23.90
N LEU A 197 -10.83 6.52 -23.86
CA LEU A 197 -10.77 5.65 -25.05
C LEU A 197 -11.76 6.19 -26.08
N LYS A 198 -11.38 6.18 -27.35
CA LYS A 198 -12.29 6.51 -28.47
C LYS A 198 -13.43 5.50 -28.47
N GLY A 199 -14.60 5.92 -28.93
CA GLY A 199 -15.74 5.02 -29.21
C GLY A 199 -16.41 4.58 -27.93
N GLN A 200 -16.70 3.29 -27.80
CA GLN A 200 -17.50 2.77 -26.66
C GLN A 200 -17.09 1.33 -26.38
N PRO A 201 -17.22 0.89 -25.12
CA PRO A 201 -17.02 -0.52 -24.77
C PRO A 201 -17.63 -1.49 -25.80
N GLY A 202 -16.89 -2.54 -26.14
CA GLY A 202 -17.27 -3.56 -27.12
C GLY A 202 -16.63 -3.35 -28.49
N ASP A 203 -16.00 -2.19 -28.72
CA ASP A 203 -15.52 -1.80 -30.07
C ASP A 203 -14.02 -2.09 -30.19
N ILE A 204 -13.44 -1.77 -31.33
CA ILE A 204 -12.02 -2.10 -31.66
C ILE A 204 -11.08 -1.41 -30.66
N TYR A 205 -11.37 -0.17 -30.26
CA TYR A 205 -10.53 0.63 -29.33
C TYR A 205 -10.44 -0.07 -27.96
N HIS A 206 -11.61 -0.44 -27.44
CA HIS A 206 -11.79 -1.09 -26.12
C HIS A 206 -11.24 -2.52 -26.18
N GLN A 207 -11.44 -3.22 -27.29
CA GLN A 207 -10.94 -4.60 -27.46
C GLN A 207 -9.40 -4.58 -27.51
N THR A 208 -8.81 -3.62 -28.22
CA THR A 208 -7.34 -3.42 -28.33
C THR A 208 -6.77 -3.09 -26.93
N TRP A 209 -7.44 -2.20 -26.18
CA TRP A 209 -6.96 -1.78 -24.84
C TRP A 209 -7.01 -2.98 -23.88
N ALA A 210 -8.05 -3.80 -23.97
CA ALA A 210 -8.18 -5.04 -23.17
C ALA A 210 -7.01 -5.99 -23.50
N ARG A 211 -6.67 -6.11 -24.78
CA ARG A 211 -5.63 -7.05 -25.27
C ARG A 211 -4.24 -6.55 -24.84
N TYR A 212 -4.07 -5.23 -24.67
CA TYR A 212 -2.85 -4.59 -24.12
C TYR A 212 -2.58 -5.13 -22.71
N PHE A 213 -3.61 -5.31 -21.89
CA PHE A 213 -3.48 -5.92 -20.53
C PHE A 213 -2.84 -7.31 -20.68
N VAL A 214 -3.36 -8.13 -21.60
CA VAL A 214 -2.86 -9.53 -21.81
C VAL A 214 -1.42 -9.48 -22.32
N LYS A 215 -1.13 -8.61 -23.28
CA LYS A 215 0.24 -8.43 -23.83
C LYS A 215 1.21 -8.08 -22.70
N PHE A 216 0.77 -7.23 -21.78
CA PHE A 216 1.61 -6.79 -20.63
C PHE A 216 1.89 -8.01 -19.73
N LEU A 217 0.85 -8.75 -19.37
CA LEU A 217 1.02 -9.93 -18.48
C LEU A 217 1.86 -11.01 -19.19
N ASP A 218 1.67 -11.20 -20.50
CA ASP A 218 2.48 -12.14 -21.33
C ASP A 218 3.95 -11.73 -21.23
N ALA A 219 4.24 -10.45 -21.44
CA ALA A 219 5.63 -9.93 -21.50
C ALA A 219 6.30 -10.09 -20.13
N TYR A 220 5.60 -9.76 -19.04
CA TYR A 220 6.12 -9.95 -17.67
C TYR A 220 6.31 -11.45 -17.39
N ALA A 221 5.42 -12.31 -17.90
CA ALA A 221 5.47 -13.79 -17.78
C ALA A 221 6.72 -14.33 -18.49
N GLU A 222 7.07 -13.79 -19.66
CA GLU A 222 8.34 -14.13 -20.37
C GLU A 222 9.54 -13.83 -19.47
N HIS A 223 9.41 -12.82 -18.60
CA HIS A 223 10.45 -12.39 -17.62
C HIS A 223 10.26 -13.07 -16.26
N LYS A 224 9.47 -14.15 -16.22
CA LYS A 224 9.28 -15.03 -15.05
C LYS A 224 8.62 -14.26 -13.88
N LEU A 225 7.77 -13.27 -14.20
CA LEU A 225 6.94 -12.56 -13.19
C LEU A 225 5.45 -12.84 -13.48
N GLN A 226 4.74 -13.21 -12.43
CA GLN A 226 3.29 -13.49 -12.44
C GLN A 226 2.62 -12.42 -11.56
N PHE A 227 1.44 -11.96 -11.93
CA PHE A 227 0.66 -10.94 -11.19
C PHE A 227 -0.44 -11.62 -10.37
N TRP A 228 -0.71 -11.06 -9.20
CA TRP A 228 -1.86 -11.39 -8.33
C TRP A 228 -3.09 -10.69 -8.90
N ALA A 229 -2.93 -9.43 -9.28
CA ALA A 229 -4.07 -8.56 -9.65
C ALA A 229 -3.63 -7.44 -10.57
N VAL A 230 -4.60 -6.92 -11.33
CA VAL A 230 -4.50 -5.66 -12.10
C VAL A 230 -5.66 -4.77 -11.67
N THR A 231 -5.52 -3.46 -11.82
CA THR A 231 -6.64 -2.50 -11.68
C THR A 231 -7.14 -2.12 -13.09
N ALA A 232 -8.42 -1.77 -13.19
CA ALA A 232 -9.12 -1.44 -14.44
C ALA A 232 -8.54 -0.15 -15.06
N GLU A 233 -7.88 0.65 -14.23
CA GLU A 233 -7.27 1.96 -14.59
C GLU A 233 -6.89 2.66 -13.28
N ASN A 234 -5.72 3.31 -13.24
CA ASN A 234 -5.34 4.21 -12.13
C ASN A 234 -6.23 5.45 -12.21
N GLU A 235 -6.93 5.77 -11.13
CA GLU A 235 -7.70 7.03 -10.93
C GLU A 235 -8.43 7.40 -12.22
N PRO A 236 -9.38 6.56 -12.67
CA PRO A 236 -10.13 6.83 -13.90
C PRO A 236 -10.86 8.20 -13.87
N SER A 237 -11.20 8.70 -12.68
CA SER A 237 -11.88 10.02 -12.51
C SER A 237 -10.96 11.14 -13.03
N ALA A 238 -9.64 10.93 -13.03
CA ALA A 238 -8.62 11.95 -13.39
C ALA A 238 -8.78 12.37 -14.86
N GLY A 239 -8.97 11.40 -15.76
CA GLY A 239 -9.07 11.68 -17.20
C GLY A 239 -10.35 12.41 -17.59
N LEU A 240 -11.27 12.64 -16.64
CA LEU A 240 -12.53 13.38 -16.86
C LEU A 240 -12.30 14.87 -16.64
N LEU A 241 -11.09 15.25 -16.18
CA LEU A 241 -10.78 16.62 -15.71
C LEU A 241 -10.01 17.40 -16.77
N SER A 242 -10.58 18.53 -17.20
N SER A 242 -10.58 18.53 -17.20
CA SER A 242 -9.93 19.50 -18.12
CA SER A 242 -9.92 19.47 -18.15
C SER A 242 -8.52 19.81 -17.60
C SER A 242 -8.52 19.82 -17.62
N GLY A 243 -7.51 19.71 -18.48
CA GLY A 243 -6.12 20.12 -18.17
C GLY A 243 -5.43 19.19 -17.20
N TYR A 244 -5.90 17.95 -17.03
CA TYR A 244 -5.26 17.02 -16.06
C TYR A 244 -3.78 16.91 -16.43
N PRO A 245 -2.87 17.20 -15.48
CA PRO A 245 -1.46 17.46 -15.80
C PRO A 245 -0.58 16.27 -16.25
N PHE A 246 -0.93 15.02 -15.93
CA PHE A 246 -0.06 13.86 -16.28
C PHE A 246 -0.90 12.68 -16.78
N GLN A 247 -0.23 11.57 -17.10
CA GLN A 247 -0.83 10.38 -17.75
C GLN A 247 -2.14 9.98 -17.06
N CYS A 248 -3.20 9.86 -17.83
CA CYS A 248 -4.55 9.49 -17.34
C CYS A 248 -5.36 8.90 -18.49
N LEU A 249 -6.54 8.38 -18.17
CA LEU A 249 -7.48 7.74 -19.12
C LEU A 249 -8.86 7.75 -18.44
N GLY A 250 -9.72 8.67 -18.88
CA GLY A 250 -10.98 8.99 -18.22
C GLY A 250 -12.00 7.88 -18.38
N PHE A 251 -12.62 7.48 -17.28
CA PHE A 251 -13.83 6.62 -17.26
C PHE A 251 -14.80 7.17 -16.22
N THR A 252 -16.04 7.42 -16.63
CA THR A 252 -17.22 7.47 -15.74
C THR A 252 -17.40 6.08 -15.15
N PRO A 253 -18.13 5.93 -14.03
CA PRO A 253 -18.41 4.60 -13.48
C PRO A 253 -19.16 3.73 -14.51
N GLU A 254 -20.06 4.33 -15.30
CA GLU A 254 -20.80 3.59 -16.37
C GLU A 254 -19.83 3.10 -17.43
N HIS A 255 -18.89 3.95 -17.85
CA HIS A 255 -17.83 3.59 -18.83
C HIS A 255 -17.00 2.41 -18.29
N GLN A 256 -16.53 2.50 -17.04
CA GLN A 256 -15.76 1.38 -16.41
C GLN A 256 -16.62 0.11 -16.35
N ARG A 257 -17.88 0.22 -15.93
CA ARG A 257 -18.79 -0.95 -15.84
C ARG A 257 -18.79 -1.68 -17.19
N ASP A 258 -19.03 -0.95 -18.27
CA ASP A 258 -19.29 -1.56 -19.59
C ASP A 258 -17.97 -2.08 -20.16
N PHE A 259 -16.86 -1.39 -19.92
CA PHE A 259 -15.51 -1.82 -20.35
C PHE A 259 -15.16 -3.18 -19.70
N ILE A 260 -15.42 -3.31 -18.39
CA ILE A 260 -15.14 -4.54 -17.61
C ILE A 260 -16.04 -5.68 -18.13
N ALA A 261 -17.34 -5.41 -18.26
CA ALA A 261 -18.36 -6.37 -18.72
C ALA A 261 -17.99 -6.90 -20.12
N ARG A 262 -17.72 -6.01 -21.07
CA ARG A 262 -17.66 -6.34 -22.52
C ARG A 262 -16.24 -6.70 -22.95
N ASP A 263 -15.22 -6.05 -22.38
CA ASP A 263 -13.85 -6.07 -22.94
C ASP A 263 -12.87 -6.69 -21.94
N LEU A 264 -12.56 -6.01 -20.83
CA LEU A 264 -11.44 -6.41 -19.93
C LEU A 264 -11.75 -7.74 -19.24
N GLY A 265 -12.96 -7.90 -18.69
CA GLY A 265 -13.36 -9.16 -18.05
C GLY A 265 -13.22 -10.35 -19.01
N PRO A 266 -14.00 -10.39 -20.11
CA PRO A 266 -13.93 -11.50 -21.06
C PRO A 266 -12.53 -11.78 -21.60
N THR A 267 -11.74 -10.74 -21.88
CA THR A 267 -10.38 -10.87 -22.48
C THR A 267 -9.45 -11.58 -21.48
N LEU A 268 -9.43 -11.13 -20.22
CA LEU A 268 -8.59 -11.75 -19.16
C LEU A 268 -9.07 -13.19 -18.90
N ALA A 269 -10.38 -13.39 -18.80
CA ALA A 269 -11.02 -14.69 -18.47
C ALA A 269 -10.73 -15.73 -19.57
N ASN A 270 -10.62 -15.29 -20.83
CA ASN A 270 -10.31 -16.17 -21.99
C ASN A 270 -8.82 -16.04 -22.33
N SER A 271 -7.95 -16.03 -21.32
CA SER A 271 -6.47 -15.98 -21.49
C SER A 271 -5.80 -16.91 -20.47
N THR A 272 -4.50 -17.12 -20.59
CA THR A 272 -3.69 -17.90 -19.62
C THR A 272 -3.69 -17.18 -18.27
N HIS A 273 -4.01 -15.88 -18.26
CA HIS A 273 -4.02 -15.00 -17.06
C HIS A 273 -5.40 -14.95 -16.41
N HIS A 274 -6.25 -15.94 -16.66
CA HIS A 274 -7.64 -16.01 -16.12
C HIS A 274 -7.64 -16.00 -14.57
N ASN A 275 -6.54 -16.37 -13.90
CA ASN A 275 -6.53 -16.43 -12.41
C ASN A 275 -6.14 -15.08 -11.82
N VAL A 276 -5.59 -14.17 -12.63
CA VAL A 276 -5.23 -12.80 -12.17
C VAL A 276 -6.52 -12.10 -11.75
N ARG A 277 -6.51 -11.48 -10.57
CA ARG A 277 -7.69 -10.77 -10.02
C ARG A 277 -7.83 -9.41 -10.72
N LEU A 278 -9.08 -8.95 -10.86
CA LEU A 278 -9.40 -7.61 -11.40
C LEU A 278 -10.02 -6.77 -10.27
N LEU A 279 -9.39 -5.63 -10.00
CA LEU A 279 -9.87 -4.63 -9.02
C LEU A 279 -10.39 -3.42 -9.79
N MET A 280 -11.57 -2.96 -9.42
CA MET A 280 -12.21 -1.74 -9.99
C MET A 280 -11.82 -0.50 -9.17
N LEU A 281 -12.20 0.66 -9.69
CA LEU A 281 -12.09 2.01 -9.08
C LEU A 281 -10.62 2.44 -9.08
N ASP A 282 -9.80 1.94 -8.15
CA ASP A 282 -8.38 2.36 -8.00
C ASP A 282 -8.33 3.89 -7.95
N ASP A 283 -9.17 4.49 -7.10
CA ASP A 283 -9.41 5.96 -7.06
C ASP A 283 -9.87 6.32 -5.64
N GLN A 284 -10.14 7.61 -5.39
CA GLN A 284 -10.41 8.15 -4.03
C GLN A 284 -11.70 7.52 -3.49
N ARG A 285 -11.78 7.28 -2.17
CA ARG A 285 -12.93 6.55 -1.57
C ARG A 285 -14.17 7.45 -1.53
N LEU A 286 -14.03 8.75 -1.79
CA LEU A 286 -15.18 9.71 -1.94
C LEU A 286 -16.14 9.22 -3.05
N LEU A 287 -15.65 8.43 -4.00
CA LEU A 287 -16.44 7.89 -5.14
C LEU A 287 -17.28 6.69 -4.70
N LEU A 288 -17.11 6.21 -3.46
CA LEU A 288 -17.91 5.09 -2.91
C LEU A 288 -19.01 5.66 -2.02
N PRO A 289 -20.16 4.96 -1.91
CA PRO A 289 -20.38 3.68 -2.59
C PRO A 289 -20.86 3.76 -4.06
N HIS A 290 -21.01 4.97 -4.61
CA HIS A 290 -21.67 5.21 -5.93
C HIS A 290 -21.02 4.36 -7.02
N TRP A 291 -19.69 4.45 -7.20
CA TRP A 291 -18.95 3.66 -8.22
C TRP A 291 -19.22 2.16 -8.03
N ALA A 292 -19.15 1.65 -6.80
CA ALA A 292 -19.44 0.23 -6.49
C ALA A 292 -20.89 -0.10 -6.90
N LYS A 293 -21.86 0.74 -6.56
CA LYS A 293 -23.28 0.54 -6.96
C LYS A 293 -23.36 0.39 -8.49
N VAL A 294 -22.82 1.36 -9.23
CA VAL A 294 -22.94 1.41 -10.72
C VAL A 294 -22.33 0.15 -11.33
N VAL A 295 -21.12 -0.27 -10.91
CA VAL A 295 -20.41 -1.41 -11.55
C VAL A 295 -21.03 -2.74 -11.10
N LEU A 296 -21.26 -2.92 -9.81
CA LEU A 296 -21.50 -4.25 -9.22
C LEU A 296 -22.98 -4.65 -9.26
N THR A 297 -23.91 -3.73 -9.51
CA THR A 297 -25.35 -4.07 -9.70
C THR A 297 -25.54 -4.60 -11.13
N ASP A 298 -24.53 -4.47 -12.00
CA ASP A 298 -24.50 -5.14 -13.34
C ASP A 298 -23.82 -6.49 -13.19
N PRO A 299 -24.59 -7.61 -13.20
CA PRO A 299 -24.02 -8.94 -12.97
C PRO A 299 -22.96 -9.36 -13.99
N GLU A 300 -23.00 -8.79 -15.21
CA GLU A 300 -22.04 -9.11 -16.29
C GLU A 300 -20.70 -8.41 -16.03
N ALA A 301 -20.70 -7.30 -15.29
CA ALA A 301 -19.47 -6.64 -14.78
C ALA A 301 -19.06 -7.32 -13.47
N ALA A 302 -20.00 -7.53 -12.55
CA ALA A 302 -19.76 -8.04 -11.18
C ALA A 302 -18.99 -9.37 -11.25
N LYS A 303 -19.33 -10.24 -12.19
CA LYS A 303 -18.77 -11.62 -12.25
C LYS A 303 -17.26 -11.57 -12.50
N TYR A 304 -16.73 -10.43 -12.96
CA TYR A 304 -15.29 -10.25 -13.29
C TYR A 304 -14.55 -9.48 -12.19
N VAL A 305 -15.27 -8.82 -11.27
CA VAL A 305 -14.67 -7.90 -10.27
C VAL A 305 -14.42 -8.66 -8.96
N HIS A 306 -13.15 -8.85 -8.63
CA HIS A 306 -12.66 -9.46 -7.37
C HIS A 306 -12.75 -8.47 -6.21
N GLY A 307 -12.37 -7.21 -6.45
CA GLY A 307 -12.24 -6.21 -5.39
C GLY A 307 -12.29 -4.78 -5.88
N ILE A 308 -12.29 -3.87 -4.90
CA ILE A 308 -12.41 -2.40 -5.07
C ILE A 308 -11.14 -1.79 -4.48
N ALA A 309 -10.28 -1.23 -5.34
CA ALA A 309 -9.04 -0.55 -4.92
C ALA A 309 -9.35 0.90 -4.59
N VAL A 310 -8.85 1.40 -3.46
CA VAL A 310 -9.06 2.80 -3.00
C VAL A 310 -7.72 3.52 -2.80
N HIS A 311 -7.71 4.80 -3.14
CA HIS A 311 -6.59 5.74 -2.89
C HIS A 311 -7.00 6.66 -1.73
N TRP A 312 -6.02 7.23 -1.02
CA TRP A 312 -6.27 7.87 0.30
C TRP A 312 -6.46 9.39 0.18
N TYR A 313 -6.34 9.99 -1.00
CA TYR A 313 -6.05 11.45 -1.15
C TYR A 313 -7.25 12.33 -0.78
N LEU A 314 -8.47 11.81 -0.77
CA LEU A 314 -9.67 12.60 -0.33
C LEU A 314 -10.27 12.00 0.95
N ASP A 315 -9.50 11.19 1.68
CA ASP A 315 -9.96 10.56 2.95
C ASP A 315 -10.42 11.66 3.91
N PHE A 316 -9.74 12.80 3.93
CA PHE A 316 -10.04 13.94 4.84
C PHE A 316 -11.43 14.52 4.53
N LEU A 317 -12.00 14.29 3.34
CA LEU A 317 -13.36 14.74 2.94
C LEU A 317 -14.37 13.59 2.85
N ALA A 318 -13.95 12.37 3.19
CA ALA A 318 -14.73 11.13 2.93
C ALA A 318 -14.71 10.24 4.17
N PRO A 319 -15.64 10.45 5.13
CA PRO A 319 -15.72 9.61 6.32
C PRO A 319 -15.78 8.12 5.92
N ALA A 320 -15.03 7.28 6.63
CA ALA A 320 -14.84 5.85 6.33
C ALA A 320 -16.19 5.13 6.34
N LYS A 321 -17.03 5.45 7.32
CA LYS A 321 -18.33 4.75 7.54
C LYS A 321 -19.23 4.89 6.31
N ALA A 322 -19.34 6.11 5.75
CA ALA A 322 -20.24 6.45 4.65
C ALA A 322 -19.69 5.91 3.31
N THR A 323 -18.41 5.56 3.26
CA THR A 323 -17.70 5.17 2.01
C THR A 323 -17.38 3.68 2.08
N LEU A 324 -16.32 3.33 2.83
CA LEU A 324 -15.87 1.93 3.04
C LEU A 324 -16.97 1.11 3.72
N GLY A 325 -17.54 1.64 4.81
CA GLY A 325 -18.53 0.91 5.63
C GLY A 325 -19.76 0.59 4.82
N GLU A 326 -20.32 1.59 4.14
CA GLU A 326 -21.53 1.47 3.29
C GLU A 326 -21.26 0.49 2.12
N THR A 327 -20.07 0.56 1.51
CA THR A 327 -19.68 -0.32 0.37
C THR A 327 -19.64 -1.78 0.85
N HIS A 328 -19.00 -2.02 1.98
CA HIS A 328 -18.91 -3.38 2.58
C HIS A 328 -20.34 -3.91 2.84
N ARG A 329 -21.19 -3.07 3.43
CA ARG A 329 -22.60 -3.43 3.76
C ARG A 329 -23.30 -3.90 2.49
N LEU A 330 -23.25 -3.10 1.42
CA LEU A 330 -23.93 -3.37 0.12
C LEU A 330 -23.30 -4.58 -0.60
N PHE A 331 -21.97 -4.72 -0.54
CA PHE A 331 -21.19 -5.71 -1.32
C PHE A 331 -20.18 -6.40 -0.41
N PRO A 332 -20.64 -7.16 0.61
CA PRO A 332 -19.74 -7.72 1.61
C PRO A 332 -18.74 -8.76 1.08
N ASN A 333 -19.02 -9.38 -0.08
CA ASN A 333 -18.14 -10.44 -0.67
C ASN A 333 -17.14 -9.83 -1.66
N THR A 334 -17.14 -8.52 -1.83
CA THR A 334 -16.19 -7.82 -2.75
C THR A 334 -15.17 -7.08 -1.87
N MET A 335 -13.93 -7.58 -1.82
CA MET A 335 -12.88 -7.06 -0.90
C MET A 335 -12.58 -5.60 -1.27
N LEU A 336 -12.26 -4.81 -0.25
CA LEU A 336 -11.73 -3.42 -0.37
C LEU A 336 -10.22 -3.48 -0.15
N PHE A 337 -9.45 -2.74 -0.94
CA PHE A 337 -7.97 -2.77 -0.94
C PHE A 337 -7.42 -1.37 -1.17
N ALA A 338 -6.59 -0.86 -0.26
CA ALA A 338 -5.93 0.46 -0.40
C ALA A 338 -4.67 0.29 -1.25
N SER A 339 -4.63 0.95 -2.42
CA SER A 339 -3.64 0.67 -3.51
C SER A 339 -2.67 1.84 -3.70
N GLU A 340 -2.92 3.00 -3.10
CA GLU A 340 -2.02 4.17 -3.27
C GLU A 340 -2.23 5.22 -2.18
N ALA A 341 -1.12 5.60 -1.55
CA ALA A 341 -1.01 6.67 -0.52
C ALA A 341 0.38 7.29 -0.60
N CYS A 342 0.45 8.61 -0.44
CA CYS A 342 1.70 9.33 -0.12
C CYS A 342 1.34 10.70 0.47
N VAL A 343 2.25 11.21 1.30
CA VAL A 343 2.21 12.62 1.79
C VAL A 343 3.03 13.48 0.83
N GLY A 344 2.62 14.74 0.65
CA GLY A 344 3.40 15.77 -0.05
C GLY A 344 2.79 16.13 -1.39
N SER A 345 1.71 15.45 -1.78
CA SER A 345 1.05 15.63 -3.09
C SER A 345 0.12 16.85 -3.06
N LYS A 346 -0.24 17.34 -1.87
CA LYS A 346 -1.27 18.40 -1.71
C LYS A 346 -0.62 19.79 -1.72
N PHE A 347 -1.39 20.76 -2.19
CA PHE A 347 -1.05 22.21 -2.33
C PHE A 347 -0.39 22.73 -1.05
N TRP A 348 -0.95 22.35 0.11
CA TRP A 348 -0.54 22.85 1.45
C TRP A 348 0.55 21.98 2.07
N GLU A 349 1.01 20.92 1.38
CA GLU A 349 2.04 19.99 1.90
C GLU A 349 3.38 20.23 1.24
N GLN A 350 4.42 20.37 2.05
CA GLN A 350 5.83 20.35 1.59
C GLN A 350 6.09 18.96 0.98
N SER A 351 6.79 18.88 -0.14
CA SER A 351 7.10 17.60 -0.82
C SER A 351 7.76 16.61 0.16
N VAL A 352 8.94 16.94 0.70
CA VAL A 352 9.74 16.05 1.58
C VAL A 352 10.04 16.76 2.90
N ARG A 353 9.71 16.13 4.03
CA ARG A 353 10.02 16.62 5.40
C ARG A 353 10.81 15.55 6.14
N LEU A 354 12.13 15.52 5.95
CA LEU A 354 12.99 14.42 6.45
C LEU A 354 12.84 14.27 7.96
N GLY A 355 12.29 13.13 8.41
CA GLY A 355 12.17 12.77 9.84
C GLY A 355 10.80 13.11 10.41
N SER A 356 9.86 13.53 9.56
CA SER A 356 8.50 13.96 10.00
C SER A 356 7.80 12.80 10.73
N TRP A 357 7.57 12.97 12.04
CA TRP A 357 6.74 12.05 12.85
C TRP A 357 5.28 12.17 12.43
N ASP A 358 4.83 13.37 12.07
CA ASP A 358 3.42 13.61 11.63
C ASP A 358 3.08 12.69 10.45
N ARG A 359 4.01 12.55 9.52
CA ARG A 359 3.79 11.76 8.28
C ARG A 359 3.74 10.27 8.62
N GLY A 360 4.55 9.80 9.57
CA GLY A 360 4.43 8.44 10.12
C GLY A 360 3.03 8.20 10.66
N MET A 361 2.55 9.09 11.52
CA MET A 361 1.22 9.02 12.16
C MET A 361 0.11 9.03 11.10
N GLN A 362 0.27 9.80 10.04
CA GLN A 362 -0.66 9.80 8.89
C GLN A 362 -0.76 8.37 8.33
N TYR A 363 0.38 7.68 8.15
CA TYR A 363 0.39 6.30 7.57
C TYR A 363 -0.34 5.34 8.52
N SER A 364 0.05 5.28 9.79
CA SER A 364 -0.49 4.30 10.76
C SER A 364 -1.98 4.60 11.01
N HIS A 365 -2.37 5.86 11.15
CA HIS A 365 -3.78 6.26 11.34
C HIS A 365 -4.62 5.75 10.15
N SER A 366 -4.12 5.95 8.93
CA SER A 366 -4.80 5.50 7.69
C SER A 366 -4.94 3.98 7.72
N ILE A 367 -3.84 3.27 7.97
CA ILE A 367 -3.85 1.78 7.95
C ILE A 367 -4.87 1.29 9.01
N ILE A 368 -4.84 1.84 10.21
CA ILE A 368 -5.79 1.42 11.28
C ILE A 368 -7.23 1.69 10.82
N THR A 369 -7.54 2.89 10.35
CA THR A 369 -8.92 3.28 9.94
C THR A 369 -9.38 2.34 8.81
N ASN A 370 -8.52 2.11 7.82
CA ASN A 370 -8.80 1.18 6.69
C ASN A 370 -9.08 -0.22 7.26
N LEU A 371 -8.24 -0.74 8.16
CA LEU A 371 -8.44 -2.11 8.74
C LEU A 371 -9.76 -2.17 9.52
N LEU A 372 -10.13 -1.10 10.21
CA LEU A 372 -11.40 -1.05 11.01
C LEU A 372 -12.60 -0.96 10.07
N TYR A 373 -12.41 -0.64 8.79
CA TYR A 373 -13.53 -0.58 7.80
C TYR A 373 -13.29 -1.57 6.65
N HIS A 374 -12.88 -2.78 7.01
CA HIS A 374 -12.98 -4.02 6.18
C HIS A 374 -11.90 -4.10 5.10
N VAL A 375 -10.97 -3.13 5.04
CA VAL A 375 -9.92 -3.09 3.98
C VAL A 375 -8.89 -4.19 4.27
N VAL A 376 -8.47 -4.93 3.23
CA VAL A 376 -7.68 -6.19 3.36
C VAL A 376 -6.20 -5.89 3.15
N GLY A 377 -5.84 -4.66 2.78
CA GLY A 377 -4.42 -4.35 2.60
C GLY A 377 -4.20 -2.89 2.30
N TRP A 378 -2.93 -2.47 2.29
CA TRP A 378 -2.57 -1.04 2.19
C TRP A 378 -1.21 -0.93 1.51
N THR A 379 -1.16 -0.10 0.46
CA THR A 379 -0.03 0.00 -0.47
C THR A 379 0.46 1.45 -0.54
N ASP A 380 1.72 1.63 -0.16
CA ASP A 380 2.45 2.90 -0.35
C ASP A 380 2.60 3.17 -1.86
N TRP A 381 2.91 4.41 -2.21
CA TRP A 381 3.33 4.85 -3.56
C TRP A 381 4.85 4.60 -3.70
N ASN A 382 5.63 5.54 -4.24
CA ASN A 382 7.07 5.34 -4.55
C ASN A 382 7.81 4.66 -3.38
N LEU A 383 8.51 3.55 -3.64
CA LEU A 383 9.35 2.83 -2.62
C LEU A 383 10.50 3.72 -2.15
N ALA A 384 10.97 4.61 -3.03
CA ALA A 384 12.10 5.51 -2.75
C ALA A 384 12.04 6.71 -3.69
N LEU A 385 12.38 7.89 -3.17
CA LEU A 385 12.53 9.14 -3.95
C LEU A 385 13.82 9.81 -3.53
N ASN A 386 14.25 10.83 -4.27
CA ASN A 386 15.44 11.67 -3.94
C ASN A 386 15.00 12.72 -2.92
N PRO A 387 15.92 13.56 -2.39
CA PRO A 387 15.56 14.55 -1.37
C PRO A 387 14.59 15.66 -1.85
N GLU A 388 14.47 15.86 -3.16
CA GLU A 388 13.49 16.80 -3.77
C GLU A 388 12.12 16.12 -3.82
N GLY A 389 12.06 14.79 -3.70
CA GLY A 389 10.81 14.01 -3.81
C GLY A 389 10.54 13.60 -5.24
N GLY A 390 11.59 13.42 -6.03
CA GLY A 390 11.53 13.03 -7.46
C GLY A 390 12.41 11.82 -7.77
N PRO A 391 12.75 11.58 -9.06
CA PRO A 391 12.36 12.47 -10.16
C PRO A 391 10.91 12.30 -10.64
N ASN A 392 10.42 13.28 -11.39
CA ASN A 392 9.01 13.35 -11.85
C ASN A 392 8.93 14.33 -13.03
N TRP A 393 8.46 13.89 -14.20
CA TRP A 393 8.52 14.67 -15.46
C TRP A 393 7.60 15.90 -15.40
N VAL A 394 6.59 15.94 -14.53
CA VAL A 394 5.76 17.17 -14.35
C VAL A 394 6.14 17.92 -13.08
N ARG A 395 7.28 17.55 -12.47
CA ARG A 395 7.83 18.16 -11.22
C ARG A 395 6.79 18.09 -10.09
N ASN A 396 6.10 16.97 -10.03
CA ASN A 396 5.03 16.66 -9.05
C ASN A 396 5.67 15.86 -7.91
N PHE A 397 6.44 16.54 -7.06
CA PHE A 397 7.30 15.91 -6.01
C PHE A 397 6.50 15.61 -4.75
N VAL A 398 6.81 14.47 -4.12
CA VAL A 398 6.11 13.97 -2.91
C VAL A 398 7.14 13.33 -1.98
N ASP A 399 6.65 12.76 -0.87
CA ASP A 399 7.47 12.12 0.18
C ASP A 399 7.39 10.59 -0.01
N SER A 400 8.39 9.89 0.52
CA SER A 400 8.52 8.42 0.50
C SER A 400 9.14 7.95 1.81
N PRO A 401 8.80 6.76 2.33
CA PRO A 401 9.41 6.27 3.56
C PRO A 401 10.94 6.16 3.46
N ILE A 402 11.49 6.01 2.24
CA ILE A 402 12.97 5.99 2.04
C ILE A 402 13.35 7.09 1.05
N ILE A 403 14.27 7.95 1.50
CA ILE A 403 14.85 9.05 0.68
C ILE A 403 16.30 8.72 0.42
N VAL A 404 16.69 8.73 -0.85
CA VAL A 404 18.04 8.37 -1.33
C VAL A 404 18.83 9.66 -1.49
N ASP A 405 20.07 9.69 -1.03
CA ASP A 405 21.00 10.84 -1.14
C ASP A 405 22.24 10.31 -1.87
N ILE A 406 22.21 10.38 -3.20
N ILE A 406 22.21 10.35 -3.20
CA ILE A 406 23.15 9.64 -4.10
CA ILE A 406 23.18 9.64 -4.09
C ILE A 406 24.57 10.21 -3.95
C ILE A 406 24.59 10.19 -3.84
N THR A 407 24.72 11.50 -3.62
CA THR A 407 26.05 12.14 -3.44
C THR A 407 26.75 11.53 -2.21
N LYS A 408 26.00 11.02 -1.22
CA LYS A 408 26.55 10.38 0.00
C LYS A 408 26.38 8.86 -0.02
N ASP A 409 25.97 8.29 -1.15
CA ASP A 409 25.63 6.84 -1.26
C ASP A 409 24.87 6.43 0.01
N THR A 410 23.87 7.22 0.36
CA THR A 410 23.11 7.12 1.62
C THR A 410 21.61 7.02 1.31
N PHE A 411 20.86 6.34 2.17
CA PHE A 411 19.39 6.45 2.20
C PHE A 411 18.90 6.62 3.63
N TYR A 412 17.78 7.34 3.77
CA TYR A 412 17.15 7.73 5.05
C TYR A 412 15.81 7.00 5.18
N LYS A 413 15.69 6.17 6.23
CA LYS A 413 14.43 5.49 6.61
C LYS A 413 13.67 6.39 7.57
N GLN A 414 12.54 6.93 7.10
CA GLN A 414 11.72 7.95 7.79
C GLN A 414 10.72 7.27 8.72
N PRO A 415 10.10 8.03 9.64
CA PRO A 415 9.00 7.52 10.45
C PRO A 415 7.95 6.69 9.70
N MET A 416 7.51 7.14 8.52
CA MET A 416 6.54 6.42 7.65
C MET A 416 6.97 4.95 7.50
N PHE A 417 8.26 4.70 7.26
CA PHE A 417 8.83 3.35 7.09
C PHE A 417 8.49 2.51 8.32
N TYR A 418 8.78 3.03 9.51
CA TYR A 418 8.60 2.28 10.79
C TYR A 418 7.11 2.12 11.10
N HIS A 419 6.30 3.15 10.83
CA HIS A 419 4.84 3.12 11.09
C HIS A 419 4.20 2.03 10.22
N LEU A 420 4.60 1.95 8.95
CA LEU A 420 4.10 0.91 8.02
C LEU A 420 4.57 -0.45 8.55
N GLY A 421 5.84 -0.53 8.96
CA GLY A 421 6.48 -1.76 9.47
C GLY A 421 5.76 -2.34 10.66
N HIS A 422 5.20 -1.50 11.54
CA HIS A 422 4.43 -1.95 12.73
C HIS A 422 3.27 -2.86 12.33
N PHE A 423 2.82 -2.77 11.08
CA PHE A 423 1.74 -3.62 10.50
C PHE A 423 2.37 -4.73 9.65
N SER A 424 3.18 -4.36 8.66
CA SER A 424 3.62 -5.29 7.58
C SER A 424 4.43 -6.42 8.20
N LYS A 425 5.23 -6.11 9.21
CA LYS A 425 6.19 -7.06 9.81
C LYS A 425 5.42 -8.15 10.57
N PHE A 426 4.29 -7.77 11.18
CA PHE A 426 3.62 -8.58 12.23
C PHE A 426 2.26 -9.12 11.77
N ILE A 427 1.80 -8.77 10.56
CA ILE A 427 0.45 -9.19 10.06
C ILE A 427 0.65 -9.93 8.74
N PRO A 428 0.97 -11.24 8.79
CA PRO A 428 1.09 -12.03 7.58
C PRO A 428 -0.23 -12.11 6.79
N GLU A 429 -0.11 -12.40 5.51
CA GLU A 429 -1.25 -12.72 4.65
C GLU A 429 -2.07 -13.83 5.33
N GLY A 430 -3.39 -13.67 5.38
CA GLY A 430 -4.30 -14.68 5.98
C GLY A 430 -4.64 -14.36 7.42
N SER A 431 -3.95 -13.39 8.05
CA SER A 431 -4.38 -12.80 9.35
C SER A 431 -5.81 -12.29 9.18
N GLN A 432 -6.59 -12.32 10.26
CA GLN A 432 -8.00 -11.86 10.23
C GLN A 432 -8.21 -10.79 11.29
N ARG A 433 -8.79 -9.66 10.91
N ARG A 433 -8.79 -9.65 10.91
CA ARG A 433 -9.14 -8.60 11.91
CA ARG A 433 -9.14 -8.61 11.92
C ARG A 433 -10.22 -9.16 12.83
C ARG A 433 -10.21 -9.19 12.83
N VAL A 434 -10.08 -8.94 14.14
CA VAL A 434 -11.06 -9.38 15.17
C VAL A 434 -11.46 -8.13 15.96
N GLY A 435 -12.53 -8.23 16.73
CA GLY A 435 -13.04 -7.11 17.55
C GLY A 435 -12.04 -6.66 18.61
N LEU A 436 -12.15 -5.39 19.01
CA LEU A 436 -11.38 -4.77 20.12
C LEU A 436 -12.21 -3.59 20.62
N VAL A 437 -12.80 -3.70 21.81
N VAL A 437 -12.72 -3.71 21.85
CA VAL A 437 -13.74 -2.66 22.32
CA VAL A 437 -13.74 -2.82 22.47
C VAL A 437 -13.10 -1.95 23.51
C VAL A 437 -13.04 -1.94 23.54
N ALA A 438 -13.24 -0.62 23.50
CA ALA A 438 -12.75 0.32 24.53
C ALA A 438 -13.79 0.43 25.66
N SER A 439 -13.32 0.49 26.91
CA SER A 439 -14.16 0.60 28.13
C SER A 439 -14.68 2.04 28.26
N GLN A 440 -14.00 3.01 27.66
CA GLN A 440 -14.30 4.45 27.76
C GLN A 440 -13.72 5.16 26.53
N LYS A 441 -14.21 6.36 26.22
CA LYS A 441 -13.71 7.23 25.13
C LYS A 441 -12.22 7.50 25.40
N ASN A 442 -11.41 7.57 24.34
CA ASN A 442 -9.94 7.65 24.45
C ASN A 442 -9.39 8.27 23.16
N ASP A 443 -8.14 8.73 23.17
CA ASP A 443 -7.49 9.37 22.01
C ASP A 443 -6.66 8.35 21.21
N LEU A 444 -6.75 7.07 21.53
CA LEU A 444 -5.91 6.03 20.85
C LEU A 444 -6.61 5.55 19.58
N ASP A 445 -5.81 5.16 18.58
CA ASP A 445 -6.25 4.34 17.42
C ASP A 445 -5.67 2.94 17.64
N ALA A 446 -6.51 1.92 17.56
CA ALA A 446 -6.11 0.54 17.86
C ALA A 446 -6.90 -0.43 16.99
N VAL A 447 -6.22 -1.50 16.57
CA VAL A 447 -6.82 -2.59 15.76
C VAL A 447 -6.22 -3.90 16.25
N ALA A 448 -7.04 -4.93 16.31
CA ALA A 448 -6.68 -6.29 16.74
C ALA A 448 -6.75 -7.22 15.53
N LEU A 449 -5.78 -8.11 15.39
CA LEU A 449 -5.82 -9.19 14.37
C LEU A 449 -5.49 -10.53 15.03
N MET A 450 -6.08 -11.59 14.50
CA MET A 450 -5.67 -12.97 14.83
C MET A 450 -4.76 -13.47 13.70
N HIS A 451 -3.49 -13.66 14.02
CA HIS A 451 -2.47 -14.36 13.20
C HIS A 451 -3.05 -15.69 12.72
N PRO A 452 -2.64 -16.23 11.55
CA PRO A 452 -3.12 -17.53 11.08
C PRO A 452 -3.05 -18.65 12.13
N ASP A 453 -2.05 -18.64 13.03
CA ASP A 453 -1.84 -19.74 14.01
C ASP A 453 -2.73 -19.53 15.25
N GLY A 454 -3.50 -18.44 15.31
CA GLY A 454 -4.49 -18.19 16.39
C GLY A 454 -4.00 -17.18 17.41
N SER A 455 -2.73 -16.76 17.30
CA SER A 455 -2.06 -15.76 18.17
C SER A 455 -2.62 -14.34 17.91
N ALA A 456 -2.45 -13.44 18.86
CA ALA A 456 -3.02 -12.07 18.79
C ALA A 456 -1.92 -11.06 18.41
N VAL A 457 -2.31 -10.08 17.60
CA VAL A 457 -1.46 -8.94 17.18
C VAL A 457 -2.31 -7.69 17.36
N VAL A 458 -1.87 -6.75 18.19
CA VAL A 458 -2.62 -5.49 18.42
C VAL A 458 -1.67 -4.34 18.14
N VAL A 459 -2.13 -3.39 17.34
CA VAL A 459 -1.38 -2.13 17.07
C VAL A 459 -2.15 -1.00 17.75
N VAL A 460 -1.42 -0.18 18.51
CA VAL A 460 -1.94 0.97 19.28
C VAL A 460 -1.12 2.19 18.90
N LEU A 461 -1.80 3.16 18.30
CA LEU A 461 -1.22 4.47 17.92
C LEU A 461 -1.80 5.53 18.86
N ASN A 462 -0.92 6.36 19.41
CA ASN A 462 -1.29 7.55 20.21
C ASN A 462 -0.84 8.79 19.44
N ARG A 463 -1.78 9.49 18.82
CA ARG A 463 -1.51 10.74 18.06
C ARG A 463 -1.60 11.96 19.00
N SER A 464 -1.93 11.74 20.28
CA SER A 464 -2.01 12.80 21.32
C SER A 464 -0.64 13.01 21.98
N SER A 465 -0.47 14.13 22.70
CA SER A 465 0.75 14.47 23.46
C SER A 465 0.78 13.71 24.79
N LYS A 466 -0.36 13.17 25.22
CA LYS A 466 -0.52 12.61 26.60
C LYS A 466 -0.22 11.11 26.62
N ASP A 467 0.55 10.67 27.61
CA ASP A 467 0.74 9.24 27.96
C ASP A 467 -0.62 8.68 28.40
N VAL A 468 -1.02 7.54 27.84
CA VAL A 468 -2.29 6.86 28.21
C VAL A 468 -1.92 5.49 28.80
N PRO A 469 -2.04 5.28 30.13
CA PRO A 469 -1.93 3.93 30.69
C PRO A 469 -3.15 3.13 30.23
N LEU A 470 -2.96 1.85 29.90
CA LEU A 470 -4.09 0.98 29.51
C LEU A 470 -3.78 -0.48 29.81
N THR A 471 -4.84 -1.24 29.80
CA THR A 471 -4.87 -2.72 29.93
C THR A 471 -5.48 -3.29 28.65
N ILE A 472 -4.91 -4.38 28.15
CA ILE A 472 -5.52 -5.19 27.06
C ILE A 472 -6.01 -6.49 27.71
N LYS A 473 -7.31 -6.76 27.59
CA LYS A 473 -7.91 -8.02 28.08
C LYS A 473 -8.05 -8.98 26.90
N ASP A 474 -7.44 -10.15 27.04
CA ASP A 474 -7.72 -11.36 26.21
C ASP A 474 -8.49 -12.31 27.11
N PRO A 475 -9.83 -12.43 26.92
CA PRO A 475 -10.69 -13.19 27.85
C PRO A 475 -10.26 -14.62 28.17
N ALA A 476 -9.53 -15.29 27.26
CA ALA A 476 -9.13 -16.70 27.43
C ALA A 476 -7.77 -16.79 28.14
N VAL A 477 -7.00 -15.70 28.16
CA VAL A 477 -5.53 -15.77 28.40
C VAL A 477 -5.16 -14.90 29.60
N GLY A 478 -5.63 -13.65 29.64
CA GLY A 478 -5.40 -12.73 30.76
C GLY A 478 -5.26 -11.29 30.32
N PHE A 479 -4.50 -10.52 31.09
CA PHE A 479 -4.44 -9.04 30.97
C PHE A 479 -3.00 -8.62 30.70
N LEU A 480 -2.83 -7.65 29.79
CA LEU A 480 -1.54 -6.98 29.51
C LEU A 480 -1.62 -5.58 30.12
N GLU A 481 -0.80 -5.32 31.14
CA GLU A 481 -0.69 -3.98 31.75
C GLU A 481 0.38 -3.22 30.97
N THR A 482 0.03 -2.07 30.41
CA THR A 482 0.94 -1.31 29.54
C THR A 482 0.60 0.18 29.62
N ILE A 483 1.33 0.95 28.83
CA ILE A 483 1.25 2.43 28.75
C ILE A 483 1.48 2.80 27.28
N SER A 484 0.65 3.67 26.74
CA SER A 484 0.78 4.24 25.37
C SER A 484 1.32 5.65 25.49
N PRO A 485 2.65 5.87 25.36
CA PRO A 485 3.20 7.21 25.47
C PRO A 485 2.68 8.15 24.38
N GLY A 486 2.59 9.45 24.69
CA GLY A 486 2.26 10.47 23.68
C GLY A 486 3.08 10.23 22.43
N TYR A 487 2.51 10.38 21.25
CA TYR A 487 3.28 10.28 19.97
C TYR A 487 4.11 8.99 19.94
N SER A 488 3.43 7.87 20.16
CA SER A 488 4.05 6.53 20.07
C SER A 488 3.18 5.65 19.16
N ILE A 489 3.78 4.60 18.64
CA ILE A 489 3.04 3.46 18.05
C ILE A 489 3.63 2.19 18.66
N HIS A 490 2.75 1.27 19.04
CA HIS A 490 3.08 -0.05 19.63
C HIS A 490 2.47 -1.15 18.76
N THR A 491 3.17 -2.27 18.63
CA THR A 491 2.60 -3.56 18.20
C THR A 491 2.80 -4.56 19.34
N TYR A 492 1.70 -5.15 19.82
CA TYR A 492 1.65 -6.21 20.85
C TYR A 492 1.47 -7.56 20.15
N LEU A 493 2.25 -8.55 20.56
CA LEU A 493 2.14 -9.96 20.12
C LEU A 493 1.96 -10.84 21.36
N TRP A 494 1.02 -11.77 21.34
CA TRP A 494 1.00 -12.84 22.36
C TRP A 494 0.30 -14.08 21.80
N ARG A 495 0.74 -15.24 22.30
CA ARG A 495 0.11 -16.55 22.02
C ARG A 495 -1.13 -16.68 22.90
N ARG A 496 -2.10 -17.48 22.45
CA ARG A 496 -3.41 -17.65 23.12
C ARG A 496 -3.58 -19.08 23.65
N GLN A 497 -2.71 -20.00 23.25
N GLN A 497 -2.71 -20.00 23.26
CA GLN A 497 -2.66 -21.39 23.79
CA GLN A 497 -2.69 -21.40 23.79
C GLN A 497 -1.20 -21.87 23.80
C GLN A 497 -1.24 -21.90 23.83
#